data_4XPN
#
_entry.id   4XPN
#
_cell.length_a   64.311
_cell.length_b   112.853
_cell.length_c   125.013
_cell.angle_alpha   90.000
_cell.angle_beta   90.000
_cell.angle_gamma   90.000
#
_symmetry.space_group_name_H-M   'P 21 21 21'
#
loop_
_entity.id
_entity.type
_entity.pdbx_description
1 polymer 'Serine/threonine-protein phosphatase PP1-alpha catalytic subunit'
2 polymer 'Protein phosphatase 1 regulatory subunit 15A'
3 non-polymer 'MANGANESE (II) ION'
4 non-polymer 'PHOSPHATE ION'
5 non-polymer GLYCEROL
6 water water
#
loop_
_entity_poly.entity_id
_entity_poly.type
_entity_poly.pdbx_seq_one_letter_code
_entity_poly.pdbx_strand_id
1 'polypeptide(L)'
;GHMGSLNLDSIIGRLLEVQGSRPGKNVQLTENEIRGLCLKSREIFLSQPILLELEAPLKICGDIHGQYYDLLRLFEYGGF
PPESNYLFLGDYVDRGKQSLETICLLLAYKIKYPENFFLLRGNHECASINRIYGFYDECKRRYNIKLWKTFTDCFNCLPI
AAIVDEKIFCCHGGLSPDLQSMEQIRRIMRPTDVPDQGLLCDLLWSDPDKDVQGWGENDRGVSFTFGAEVVAKFLHKHDL
DLICRAHQVVEDGYEFFAKRQLVTLFSAPNYCGEFDNAGAMMSVDETLMCSFQILKPAD
;
A,C
2 'polypeptide(L)' GHMKARKVRFSEKVTVHFLAVWAGPAQAARQGPWEQLARDRSR B,D
#
# COMPACT_ATOMS: atom_id res chain seq x y z
N MET A 3 25.05 6.46 34.23
CA MET A 3 24.88 7.88 34.50
C MET A 3 24.68 8.69 33.21
N GLY A 4 23.96 9.81 33.28
CA GLY A 4 23.31 10.24 34.51
C GLY A 4 21.80 10.21 34.35
N SER A 5 21.09 10.51 35.42
CA SER A 5 19.63 10.63 35.33
C SER A 5 19.27 11.80 34.44
N LEU A 6 17.99 12.02 34.26
CA LEU A 6 17.55 13.11 33.41
C LEU A 6 16.71 14.06 34.23
N ASN A 7 17.13 15.31 34.35
CA ASN A 7 16.36 16.23 35.17
C ASN A 7 15.17 16.76 34.39
N LEU A 8 14.18 15.89 34.25
CA LEU A 8 12.99 16.13 33.46
C LEU A 8 12.21 17.34 33.94
N ASP A 9 12.00 17.41 35.25
CA ASP A 9 11.15 18.45 35.84
C ASP A 9 11.76 19.83 35.69
N SER A 10 13.09 19.90 35.76
CA SER A 10 13.78 21.17 35.56
C SER A 10 13.68 21.58 34.09
N ILE A 11 13.85 20.61 33.19
CA ILE A 11 13.71 20.82 31.76
C ILE A 11 12.31 21.32 31.38
N ILE A 12 11.29 20.66 31.90
CA ILE A 12 9.91 21.05 31.62
C ILE A 12 9.63 22.43 32.21
N GLY A 13 10.06 22.63 33.45
CA GLY A 13 9.93 23.90 34.12
C GLY A 13 10.57 25.03 33.31
N ARG A 14 11.75 24.77 32.74
CA ARG A 14 12.39 25.80 31.92
C ARG A 14 11.68 26.00 30.59
N LEU A 15 11.14 24.93 30.02
CA LEU A 15 10.39 25.03 28.77
C LEU A 15 9.10 25.84 28.96
N LEU A 16 8.44 25.65 30.11
CA LEU A 16 7.15 26.30 30.38
C LEU A 16 7.31 27.74 30.89
N GLU A 17 8.52 28.04 31.34
CA GLU A 17 8.89 29.34 31.94
C GLU A 17 8.51 30.54 31.06
N VAL A 18 8.63 30.36 29.75
CA VAL A 18 8.45 31.44 28.79
C VAL A 18 7.01 31.60 28.33
N GLN A 19 6.09 30.87 28.97
CA GLN A 19 4.68 31.05 28.67
C GLN A 19 4.29 32.46 29.09
N GLY A 20 3.65 33.19 28.18
CA GLY A 20 3.23 34.55 28.48
C GLY A 20 4.29 35.61 28.20
N SER A 21 5.52 35.18 27.89
CA SER A 21 6.55 36.10 27.45
C SER A 21 6.30 36.51 26.01
N ARG A 22 6.98 37.56 25.54
CA ARG A 22 6.87 37.97 24.14
C ARG A 22 7.16 36.77 23.25
N PRO A 23 6.14 36.30 22.50
CA PRO A 23 6.25 35.09 21.68
C PRO A 23 7.47 35.12 20.79
N GLY A 24 8.21 34.02 20.77
CA GLY A 24 9.47 33.94 20.07
C GLY A 24 10.63 33.80 21.05
N LYS A 25 10.40 34.13 22.33
CA LYS A 25 11.45 33.99 23.35
C LYS A 25 11.93 32.53 23.50
N ASN A 26 13.23 32.33 23.28
CA ASN A 26 13.81 30.99 23.26
C ASN A 26 14.00 30.38 24.64
N VAL A 27 14.03 29.05 24.65
CA VAL A 27 14.50 28.27 25.79
C VAL A 27 15.68 27.46 25.28
N GLN A 28 16.86 27.73 25.83
CA GLN A 28 18.08 27.09 25.37
C GLN A 28 18.51 26.03 26.38
N LEU A 29 18.04 24.81 26.20
CA LEU A 29 18.45 23.70 27.02
C LEU A 29 19.91 23.37 26.73
N THR A 30 20.54 22.61 27.61
CA THR A 30 21.87 22.12 27.27
C THR A 30 21.74 20.96 26.30
N GLU A 31 22.78 20.80 25.49
CA GLU A 31 22.90 19.71 24.54
C GLU A 31 22.65 18.35 25.20
N ASN A 32 23.20 18.13 26.39
CA ASN A 32 23.01 16.85 27.07
C ASN A 32 21.58 16.65 27.55
N GLU A 33 20.88 17.75 27.86
CA GLU A 33 19.49 17.66 28.27
C GLU A 33 18.67 17.18 27.10
N ILE A 34 18.90 17.78 25.94
CA ILE A 34 18.18 17.41 24.74
C ILE A 34 18.53 15.98 24.30
N ARG A 35 19.81 15.61 24.38
CA ARG A 35 20.24 14.24 24.11
CA ARG A 35 20.24 14.25 24.10
C ARG A 35 19.56 13.28 25.05
N GLY A 36 19.43 13.69 26.31
CA GLY A 36 18.76 12.89 27.32
C GLY A 36 17.30 12.67 26.90
N LEU A 37 16.64 13.75 26.47
CA LEU A 37 15.24 13.66 26.03
C LEU A 37 15.07 12.71 24.86
N CYS A 38 15.94 12.80 23.86
CA CYS A 38 15.89 11.90 22.71
C CYS A 38 16.13 10.45 23.12
N LEU A 39 17.14 10.23 23.96
CA LEU A 39 17.50 8.88 24.37
C LEU A 39 16.38 8.23 25.18
N LYS A 40 15.84 8.94 26.16
CA LYS A 40 14.84 8.33 27.02
C LYS A 40 13.50 8.14 26.28
N SER A 41 13.14 9.08 25.41
CA SER A 41 11.88 8.98 24.68
C SER A 41 11.97 7.89 23.61
N ARG A 42 13.13 7.79 22.98
CA ARG A 42 13.40 6.73 22.01
C ARG A 42 13.18 5.35 22.61
N GLU A 43 13.64 5.14 23.84
CA GLU A 43 13.41 3.88 24.56
C GLU A 43 11.91 3.61 24.76
N ILE A 44 11.18 4.67 25.07
CA ILE A 44 9.75 4.56 25.33
C ILE A 44 8.98 4.27 24.06
N PHE A 45 9.33 4.95 22.96
CA PHE A 45 8.70 4.71 21.67
C PHE A 45 8.83 3.24 21.25
N LEU A 46 10.03 2.68 21.40
CA LEU A 46 10.30 1.31 21.00
C LEU A 46 9.62 0.28 21.89
N SER A 47 9.34 0.64 23.13
CA SER A 47 8.70 -0.29 24.07
C SER A 47 7.18 -0.30 23.88
N GLN A 48 6.67 0.69 23.15
CA GLN A 48 5.24 0.78 22.84
C GLN A 48 5.03 0.40 21.39
N PRO A 49 3.83 -0.08 21.04
CA PRO A 49 3.62 -0.56 19.66
C PRO A 49 3.77 0.55 18.62
N ILE A 50 4.16 0.17 17.41
CA ILE A 50 4.32 1.15 16.33
C ILE A 50 2.94 1.56 15.81
N LEU A 51 1.96 0.70 16.08
CA LEU A 51 0.55 1.02 15.89
C LEU A 51 -0.07 1.16 17.28
N LEU A 52 -0.28 2.40 17.72
CA LEU A 52 -0.76 2.63 19.08
C LEU A 52 -2.22 2.24 19.21
N GLU A 53 -2.58 1.67 20.35
CA GLU A 53 -3.98 1.41 20.63
C GLU A 53 -4.41 2.18 21.88
N LEU A 54 -5.15 3.27 21.65
CA LEU A 54 -5.46 4.24 22.70
C LEU A 54 -6.94 4.29 23.07
N GLU A 55 -7.23 4.80 24.27
CA GLU A 55 -8.60 4.92 24.75
C GLU A 55 -8.93 6.37 25.09
N ALA A 56 -10.12 6.79 24.69
CA ALA A 56 -10.64 8.12 25.05
C ALA A 56 -10.97 8.14 26.55
N PRO A 57 -10.99 9.34 27.17
CA PRO A 57 -10.84 10.67 26.58
C PRO A 57 -9.42 11.02 26.22
N LEU A 58 -9.26 11.79 25.16
CA LEU A 58 -7.97 12.31 24.76
C LEU A 58 -8.20 13.48 23.82
N LYS A 59 -7.17 14.31 23.68
CA LYS A 59 -7.19 15.43 22.75
C LYS A 59 -6.25 15.10 21.61
N ILE A 60 -6.68 15.38 20.38
CA ILE A 60 -5.85 15.09 19.23
C ILE A 60 -5.45 16.35 18.50
N CYS A 61 -4.15 16.51 18.25
CA CYS A 61 -3.66 17.68 17.56
C CYS A 61 -2.92 17.34 16.27
N GLY A 62 -3.06 18.22 15.28
CA GLY A 62 -2.34 18.08 14.02
C GLY A 62 -1.03 18.85 14.07
N ASP A 63 -0.55 19.31 12.91
CA ASP A 63 0.81 19.83 12.77
C ASP A 63 1.11 21.02 13.66
N ILE A 64 2.31 21.05 14.23
CA ILE A 64 2.76 22.17 15.05
C ILE A 64 3.83 22.97 14.32
N HIS A 65 4.76 22.25 13.71
CA HIS A 65 5.81 22.88 12.89
C HIS A 65 6.54 23.99 13.63
N GLY A 66 7.03 23.67 14.82
CA GLY A 66 7.91 24.58 15.54
C GLY A 66 7.26 25.86 16.03
N GLN A 67 5.93 25.95 15.94
CA GLN A 67 5.26 27.13 16.47
C GLN A 67 5.00 26.92 17.95
N TYR A 68 6.07 27.12 18.72
CA TYR A 68 6.11 26.72 20.12
C TYR A 68 5.06 27.43 20.97
N TYR A 69 4.82 28.70 20.71
CA TYR A 69 3.82 29.40 21.53
C TYR A 69 2.40 28.99 21.17
N ASP A 70 2.21 28.42 19.99
CA ASP A 70 0.90 27.87 19.65
C ASP A 70 0.74 26.48 20.28
N LEU A 71 1.85 25.75 20.41
CA LEU A 71 1.82 24.51 21.19
C LEU A 71 1.40 24.82 22.63
N LEU A 72 1.99 25.85 23.23
CA LEU A 72 1.62 26.22 24.60
C LEU A 72 0.17 26.62 24.71
N ARG A 73 -0.34 27.32 23.70
CA ARG A 73 -1.75 27.67 23.67
C ARG A 73 -2.63 26.42 23.65
N LEU A 74 -2.23 25.41 22.87
CA LEU A 74 -2.99 24.16 22.82
C LEU A 74 -3.11 23.56 24.21
N PHE A 75 -1.98 23.51 24.92
CA PHE A 75 -1.96 22.96 26.27
C PHE A 75 -2.75 23.87 27.22
N GLU A 76 -2.66 25.17 26.99
CA GLU A 76 -3.41 26.13 27.80
C GLU A 76 -4.92 25.85 27.72
N TYR A 77 -5.43 25.68 26.50
CA TYR A 77 -6.86 25.46 26.28
C TYR A 77 -7.25 23.99 26.48
N GLY A 78 -6.38 23.07 26.11
CA GLY A 78 -6.68 21.65 26.25
C GLY A 78 -6.46 21.11 27.66
N GLY A 79 -5.58 21.79 28.40
CA GLY A 79 -5.14 21.34 29.70
C GLY A 79 -3.72 20.80 29.59
N PHE A 80 -2.82 21.27 30.45
CA PHE A 80 -1.44 20.75 30.44
C PHE A 80 -1.43 19.33 30.95
N PRO A 81 -0.62 18.46 30.33
CA PRO A 81 -0.48 17.09 30.82
C PRO A 81 -0.08 17.12 32.31
N PRO A 82 -0.63 16.19 33.11
CA PRO A 82 -1.47 15.08 32.68
C PRO A 82 -2.97 15.32 32.85
N GLU A 83 -3.40 16.59 32.86
CA GLU A 83 -4.80 16.93 33.02
C GLU A 83 -5.62 16.34 31.89
N SER A 84 -5.06 16.36 30.69
CA SER A 84 -5.69 15.73 29.54
C SER A 84 -4.68 14.79 28.89
N ASN A 85 -5.20 13.73 28.27
CA ASN A 85 -4.40 12.86 27.45
C ASN A 85 -4.24 13.48 26.07
N TYR A 86 -3.09 13.26 25.44
CA TYR A 86 -2.85 13.84 24.13
C TYR A 86 -2.37 12.85 23.08
N LEU A 87 -2.86 13.03 21.87
CA LEU A 87 -2.28 12.36 20.71
C LEU A 87 -1.92 13.43 19.69
N PHE A 88 -0.65 13.50 19.32
CA PHE A 88 -0.22 14.41 18.26
C PHE A 88 0.03 13.62 16.98
N LEU A 89 -0.31 14.21 15.84
CA LEU A 89 -0.29 13.51 14.55
C LEU A 89 0.98 13.77 13.73
N GLY A 90 2.00 14.36 14.34
CA GLY A 90 3.28 14.50 13.69
C GLY A 90 3.57 15.90 13.17
N ASP A 91 4.71 16.05 12.48
CA ASP A 91 5.16 17.34 11.95
C ASP A 91 5.34 18.36 13.08
N TYR A 92 6.26 18.04 13.98
CA TYR A 92 6.57 18.88 15.14
C TYR A 92 7.60 19.92 14.77
N VAL A 93 8.40 19.60 13.76
CA VAL A 93 9.52 20.46 13.38
C VAL A 93 9.35 21.00 11.97
N ASP A 94 10.27 21.91 11.60
CA ASP A 94 10.30 22.62 10.32
C ASP A 94 9.33 23.78 10.21
N ARG A 95 9.69 24.72 9.34
CA ARG A 95 8.87 25.86 8.95
C ARG A 95 8.71 26.92 10.03
N GLY A 96 8.47 26.49 11.28
CA GLY A 96 8.37 27.42 12.38
C GLY A 96 9.74 27.84 12.92
N LYS A 97 9.74 28.78 13.85
CA LYS A 97 10.96 29.37 14.35
C LYS A 97 11.48 28.63 15.56
N GLN A 98 10.65 27.77 16.15
CA GLN A 98 11.06 27.11 17.39
C GLN A 98 10.77 25.61 17.41
N SER A 99 11.31 24.91 16.43
CA SER A 99 11.21 23.46 16.35
C SER A 99 11.81 22.82 17.59
N LEU A 100 12.90 23.39 18.09
CA LEU A 100 13.62 22.78 19.19
C LEU A 100 12.80 22.77 20.48
N GLU A 101 12.29 23.93 20.88
CA GLU A 101 11.44 24.01 22.06
C GLU A 101 10.23 23.10 21.90
N THR A 102 9.69 23.08 20.68
CA THR A 102 8.49 22.29 20.40
C THR A 102 8.74 20.80 20.63
N ILE A 103 9.73 20.23 19.93
CA ILE A 103 9.95 18.80 20.04
C ILE A 103 10.44 18.43 21.44
N CYS A 104 11.23 19.30 22.07
CA CYS A 104 11.72 19.02 23.42
C CYS A 104 10.61 18.98 24.47
N LEU A 105 9.66 19.89 24.38
CA LEU A 105 8.54 19.84 25.32
C LEU A 105 7.71 18.56 25.07
N LEU A 106 7.51 18.23 23.79
CA LEU A 106 6.75 17.02 23.43
C LEU A 106 7.47 15.75 23.91
N LEU A 107 8.77 15.68 23.68
CA LEU A 107 9.55 14.55 24.17
C LEU A 107 9.51 14.49 25.69
N ALA A 108 9.67 15.66 26.32
CA ALA A 108 9.65 15.71 27.78
C ALA A 108 8.34 15.15 28.35
N TYR A 109 7.23 15.57 27.77
CA TYR A 109 5.92 15.09 28.21
C TYR A 109 5.75 13.61 27.87
N LYS A 110 6.33 13.16 26.76
CA LYS A 110 6.29 11.75 26.41
C LYS A 110 6.98 10.93 27.49
N ILE A 111 8.11 11.43 28.00
CA ILE A 111 8.85 10.73 29.03
C ILE A 111 8.16 10.82 30.39
N LYS A 112 7.59 11.99 30.69
CA LYS A 112 7.00 12.19 32.02
C LYS A 112 5.67 11.46 32.15
N TYR A 113 4.92 11.39 31.05
CA TYR A 113 3.61 10.74 31.05
C TYR A 113 3.50 9.77 29.88
N PRO A 114 4.26 8.67 29.91
CA PRO A 114 4.39 7.81 28.73
C PRO A 114 3.11 7.09 28.38
N GLU A 115 2.19 6.97 29.33
CA GLU A 115 0.95 6.26 29.10
C GLU A 115 -0.23 7.20 28.82
N ASN A 116 0.04 8.50 28.85
CA ASN A 116 -1.03 9.48 28.69
C ASN A 116 -0.70 10.49 27.62
N PHE A 117 0.45 10.32 26.99
CA PHE A 117 0.92 11.32 26.05
C PHE A 117 1.52 10.58 24.87
N PHE A 118 1.09 10.93 23.66
CA PHE A 118 1.47 10.13 22.51
C PHE A 118 1.77 11.00 21.31
N LEU A 119 2.80 10.59 20.58
CA LEU A 119 3.31 11.30 19.42
C LEU A 119 3.41 10.37 18.23
N LEU A 120 2.77 10.72 17.11
CA LEU A 120 2.95 9.96 15.87
C LEU A 120 4.04 10.60 15.05
N ARG A 121 4.58 9.85 14.10
CA ARG A 121 5.58 10.37 13.18
C ARG A 121 4.91 11.08 12.01
N GLY A 122 5.35 12.30 11.71
CA GLY A 122 4.92 13.00 10.51
C GLY A 122 5.99 12.88 9.46
N ASN A 123 5.72 13.39 8.26
CA ASN A 123 6.71 13.26 7.20
C ASN A 123 7.88 14.23 7.40
N HIS A 124 7.75 15.16 8.33
CA HIS A 124 8.84 16.08 8.63
C HIS A 124 9.75 15.53 9.71
N GLU A 125 9.33 14.45 10.37
CA GLU A 125 10.20 13.77 11.32
C GLU A 125 11.06 12.77 10.55
N CYS A 126 11.82 13.30 9.61
CA CYS A 126 12.55 12.53 8.63
C CYS A 126 13.73 13.39 8.19
N ALA A 127 14.94 12.85 8.31
CA ALA A 127 16.15 13.63 8.09
C ALA A 127 16.15 14.25 6.69
N SER A 128 15.74 13.49 5.68
CA SER A 128 15.81 14.00 4.32
C SER A 128 14.86 15.18 4.08
N ILE A 129 13.82 15.28 4.91
CA ILE A 129 12.87 16.39 4.81
C ILE A 129 13.27 17.61 5.69
N ASN A 130 13.53 17.36 6.97
CA ASN A 130 13.79 18.47 7.88
C ASN A 130 15.24 18.97 7.75
N ARG A 131 16.04 18.29 6.93
CA ARG A 131 17.31 18.83 6.48
C ARG A 131 17.06 20.10 5.69
N ILE A 132 15.95 20.11 4.95
CA ILE A 132 15.63 21.17 4.00
C ILE A 132 14.77 22.29 4.58
N TYR A 133 13.80 21.93 5.41
CA TYR A 133 12.74 22.89 5.75
C TYR A 133 12.88 23.51 7.12
N GLY A 134 14.06 23.44 7.71
CA GLY A 134 14.35 24.29 8.85
C GLY A 134 15.00 23.65 10.06
N PHE A 135 14.68 22.39 10.35
CA PHE A 135 15.10 21.81 11.61
C PHE A 135 16.62 21.62 11.68
N TYR A 136 17.23 21.18 10.58
CA TYR A 136 18.68 21.09 10.50
C TYR A 136 19.31 22.44 10.76
N ASP A 137 18.81 23.47 10.08
CA ASP A 137 19.37 24.83 10.23
C ASP A 137 19.23 25.29 11.67
N GLU A 138 18.11 24.95 12.30
CA GLU A 138 17.91 25.34 13.69
C GLU A 138 18.90 24.61 14.64
N CYS A 139 19.06 23.30 14.45
CA CYS A 139 20.00 22.52 15.25
C CYS A 139 21.43 23.01 15.05
N LYS A 140 21.78 23.24 13.80
CA LYS A 140 23.13 23.65 13.45
C LYS A 140 23.44 25.00 14.06
N ARG A 141 22.45 25.90 14.04
CA ARG A 141 22.64 27.26 14.53
C ARG A 141 22.70 27.30 16.07
N ARG A 142 21.75 26.62 16.71
CA ARG A 142 21.60 26.72 18.16
C ARG A 142 22.35 25.63 18.92
N TYR A 143 22.74 24.57 18.21
CA TYR A 143 23.48 23.47 18.82
C TYR A 143 24.56 22.98 17.86
N ASN A 144 24.43 21.75 17.37
CA ASN A 144 25.33 21.21 16.33
C ASN A 144 24.64 20.11 15.51
N ILE A 145 25.26 19.71 14.40
CA ILE A 145 24.64 18.73 13.51
C ILE A 145 24.58 17.36 14.15
N LYS A 146 25.48 17.10 15.10
CA LYS A 146 25.46 15.84 15.84
C LYS A 146 24.14 15.70 16.61
N LEU A 147 23.63 16.81 17.12
CA LEU A 147 22.38 16.80 17.86
C LEU A 147 21.23 16.53 16.89
N TRP A 148 21.32 17.10 15.70
CA TRP A 148 20.36 16.86 14.65
C TRP A 148 20.32 15.36 14.34
N LYS A 149 21.48 14.70 14.27
CA LYS A 149 21.50 13.25 14.00
C LYS A 149 20.92 12.45 15.16
N THR A 150 21.09 12.98 16.37
CA THR A 150 20.48 12.36 17.55
C THR A 150 18.95 12.43 17.46
N PHE A 151 18.44 13.55 16.95
CA PHE A 151 17.00 13.69 16.74
C PHE A 151 16.49 12.72 15.70
N THR A 152 17.22 12.62 14.58
CA THR A 152 16.89 11.70 13.51
C THR A 152 16.75 10.29 14.05
N ASP A 153 17.72 9.90 14.87
CA ASP A 153 17.71 8.58 15.46
C ASP A 153 16.45 8.37 16.32
N CYS A 154 15.99 9.44 16.96
CA CYS A 154 14.81 9.38 17.80
C CYS A 154 13.54 9.32 16.94
N PHE A 155 13.47 10.19 15.93
CA PHE A 155 12.34 10.25 15.00
C PHE A 155 12.14 8.90 14.32
N ASN A 156 13.23 8.22 13.99
CA ASN A 156 13.17 6.92 13.34
C ASN A 156 12.47 5.83 14.18
N CYS A 157 12.12 6.16 15.43
CA CYS A 157 11.49 5.19 16.32
C CYS A 157 10.06 5.56 16.69
N LEU A 158 9.58 6.70 16.21
CA LEU A 158 8.22 7.13 16.50
C LEU A 158 7.19 6.15 15.95
N PRO A 159 6.07 5.99 16.68
CA PRO A 159 4.95 5.21 16.13
C PRO A 159 4.33 5.97 14.96
N ILE A 160 3.66 5.26 14.06
CA ILE A 160 3.22 5.86 12.80
C ILE A 160 1.70 5.94 12.67
N ALA A 161 0.98 5.23 13.53
CA ALA A 161 -0.47 5.28 13.52
C ALA A 161 -1.01 4.93 14.89
N ALA A 162 -2.27 5.30 15.12
CA ALA A 162 -2.95 4.98 16.36
C ALA A 162 -4.39 4.67 16.06
N ILE A 163 -4.97 3.76 16.84
CA ILE A 163 -6.39 3.52 16.76
C ILE A 163 -7.00 3.85 18.11
N VAL A 164 -7.97 4.76 18.13
CA VAL A 164 -8.64 5.14 19.36
C VAL A 164 -9.93 4.36 19.54
N ASP A 165 -9.98 3.52 20.58
CA ASP A 165 -11.16 2.73 20.93
C ASP A 165 -11.72 1.93 19.75
N GLU A 166 -10.82 1.42 18.91
CA GLU A 166 -11.17 0.56 17.77
C GLU A 166 -12.11 1.24 16.79
N LYS A 167 -12.13 2.57 16.78
CA LYS A 167 -13.08 3.29 15.93
C LYS A 167 -12.46 4.43 15.15
N ILE A 168 -11.41 5.05 15.69
CA ILE A 168 -10.76 6.14 14.99
C ILE A 168 -9.33 5.78 14.60
N PHE A 169 -9.06 5.81 13.31
CA PHE A 169 -7.74 5.51 12.80
C PHE A 169 -7.00 6.81 12.60
N CYS A 170 -5.84 6.95 13.26
CA CYS A 170 -5.06 8.20 13.25
C CYS A 170 -3.68 7.98 12.62
N CYS A 171 -3.28 8.90 11.74
CA CYS A 171 -1.97 8.88 11.11
C CYS A 171 -1.72 10.27 10.56
N HIS A 172 -0.49 10.58 10.21
CA HIS A 172 -0.18 11.93 9.74
C HIS A 172 -0.80 12.21 8.38
N GLY A 173 -0.54 11.32 7.42
CA GLY A 173 -0.92 11.58 6.04
C GLY A 173 -2.28 10.98 5.76
N GLY A 174 -2.32 9.70 5.45
CA GLY A 174 -3.58 9.03 5.20
C GLY A 174 -3.40 7.57 4.87
N LEU A 175 -4.35 7.04 4.11
CA LEU A 175 -4.39 5.63 3.78
C LEU A 175 -3.35 5.24 2.73
N SER A 176 -3.14 3.93 2.59
CA SER A 176 -2.18 3.38 1.66
C SER A 176 -2.81 2.30 0.82
N PRO A 177 -2.46 2.24 -0.47
CA PRO A 177 -2.87 1.08 -1.28
C PRO A 177 -2.22 -0.22 -0.79
N ASP A 178 -1.15 -0.13 0.02
CA ASP A 178 -0.53 -1.31 0.60
C ASP A 178 -1.11 -1.70 1.97
N LEU A 179 -2.06 -0.92 2.45
CA LEU A 179 -2.66 -1.20 3.76
C LEU A 179 -3.90 -2.07 3.59
N GLN A 180 -3.72 -3.36 3.86
CA GLN A 180 -4.77 -4.35 3.77
C GLN A 180 -5.12 -4.91 5.15
N SER A 181 -4.13 -4.94 6.03
CA SER A 181 -4.34 -5.41 7.40
C SER A 181 -3.61 -4.53 8.38
N MET A 182 -4.11 -4.38 9.60
CA MET A 182 -3.43 -3.59 10.61
C MET A 182 -2.13 -4.27 11.01
N GLU A 183 -2.09 -5.58 10.82
CA GLU A 183 -0.91 -6.34 11.16
C GLU A 183 0.28 -5.93 10.28
N GLN A 184 0.00 -5.41 9.08
CA GLN A 184 1.06 -4.93 8.18
C GLN A 184 1.75 -3.73 8.78
N ILE A 185 1.02 -2.94 9.56
CA ILE A 185 1.64 -1.81 10.25
C ILE A 185 2.47 -2.32 11.42
N ARG A 186 1.90 -3.19 12.23
CA ARG A 186 2.58 -3.74 13.38
C ARG A 186 3.91 -4.43 13.04
N ARG A 187 4.02 -4.98 11.82
CA ARG A 187 5.24 -5.72 11.42
C ARG A 187 6.40 -4.83 11.06
N ILE A 188 6.14 -3.52 10.92
CA ILE A 188 7.21 -2.60 10.55
C ILE A 188 8.20 -2.44 11.72
N MET A 189 9.46 -2.75 11.44
CA MET A 189 10.47 -2.72 12.48
C MET A 189 11.08 -1.32 12.63
N ARG A 190 11.50 -1.01 13.85
CA ARG A 190 12.14 0.25 14.13
C ARG A 190 13.50 -0.03 14.77
N PRO A 191 14.47 0.90 14.62
CA PRO A 191 14.35 2.21 13.94
C PRO A 191 14.25 2.08 12.43
N THR A 192 13.59 3.03 11.81
CA THR A 192 13.54 3.05 10.36
C THR A 192 13.49 4.49 9.83
N ASP A 193 14.07 4.70 8.66
CA ASP A 193 13.86 5.93 7.94
C ASP A 193 12.49 5.82 7.20
N VAL A 194 11.98 6.93 6.70
CA VAL A 194 10.79 6.93 5.86
C VAL A 194 11.19 6.64 4.41
N PRO A 195 10.69 5.52 3.86
CA PRO A 195 11.03 5.12 2.49
C PRO A 195 10.36 6.04 1.48
N ASP A 196 10.80 5.96 0.23
CA ASP A 196 10.27 6.78 -0.85
C ASP A 196 8.92 6.29 -1.34
N GLN A 197 8.54 5.09 -0.93
CA GLN A 197 7.30 4.48 -1.34
C GLN A 197 6.93 3.37 -0.37
N GLY A 198 5.67 2.95 -0.41
CA GLY A 198 5.21 1.87 0.42
C GLY A 198 4.31 2.35 1.54
N LEU A 199 3.90 1.39 2.36
CA LEU A 199 2.97 1.61 3.45
C LEU A 199 3.37 2.76 4.40
N LEU A 200 4.58 2.70 4.94
CA LEU A 200 5.05 3.69 5.88
C LEU A 200 5.05 5.09 5.27
N CYS A 201 5.50 5.17 4.03
CA CYS A 201 5.51 6.43 3.31
C CYS A 201 4.08 6.98 3.15
N ASP A 202 3.16 6.15 2.66
CA ASP A 202 1.79 6.59 2.42
C ASP A 202 1.12 7.07 3.70
N LEU A 203 1.36 6.37 4.81
CA LEU A 203 0.78 6.76 6.09
C LEU A 203 1.21 8.17 6.51
N LEU A 204 2.41 8.58 6.09
CA LEU A 204 2.94 9.89 6.46
C LEU A 204 2.75 10.95 5.36
N TRP A 205 2.35 10.52 4.16
CA TRP A 205 2.40 11.40 3.00
C TRP A 205 1.10 11.55 2.18
N SER A 206 0.20 10.58 2.24
CA SER A 206 -0.95 10.59 1.31
C SER A 206 -1.96 11.65 1.74
N ASP A 207 -2.81 12.04 0.80
CA ASP A 207 -3.85 13.06 1.00
C ASP A 207 -5.19 12.62 0.47
N PRO A 208 -6.29 13.03 1.14
CA PRO A 208 -7.62 12.85 0.53
C PRO A 208 -7.82 13.85 -0.60
N ASP A 209 -8.60 13.46 -1.60
CA ASP A 209 -8.83 14.32 -2.74
C ASP A 209 -10.27 14.11 -3.22
N LYS A 210 -11.01 15.22 -3.40
CA LYS A 210 -12.41 15.19 -3.80
C LYS A 210 -12.60 14.71 -5.23
N ASP A 211 -11.65 15.05 -6.10
CA ASP A 211 -11.77 14.80 -7.53
C ASP A 211 -11.32 13.40 -7.95
N VAL A 212 -10.76 12.67 -7.00
CA VAL A 212 -10.25 11.34 -7.27
C VAL A 212 -11.23 10.31 -6.75
N GLN A 213 -11.59 9.33 -7.58
CA GLN A 213 -12.53 8.30 -7.16
C GLN A 213 -11.83 7.30 -6.23
N GLY A 214 -10.83 6.62 -6.77
CA GLY A 214 -10.10 5.66 -5.98
C GLY A 214 -8.77 6.25 -5.53
N TRP A 215 -7.69 5.71 -6.08
CA TRP A 215 -6.35 6.23 -5.84
C TRP A 215 -5.87 7.11 -6.99
N GLY A 216 -5.07 8.11 -6.65
CA GLY A 216 -4.53 8.98 -7.67
C GLY A 216 -3.11 9.42 -7.39
N GLU A 217 -2.52 10.04 -8.40
CA GLU A 217 -1.21 10.62 -8.28
C GLU A 217 -1.27 11.80 -7.32
N ASN A 218 -0.23 11.97 -6.52
CA ASN A 218 -0.17 13.06 -5.55
C ASN A 218 0.71 14.21 -6.04
N ASP A 219 0.21 15.44 -5.96
CA ASP A 219 0.95 16.63 -6.41
C ASP A 219 2.28 16.80 -5.69
N ARG A 220 2.41 16.19 -4.52
CA ARG A 220 3.65 16.28 -3.77
C ARG A 220 4.77 15.53 -4.48
N GLY A 221 4.41 14.67 -5.44
CA GLY A 221 5.40 13.86 -6.12
C GLY A 221 5.83 12.66 -5.29
N VAL A 222 5.04 12.37 -4.25
CA VAL A 222 5.27 11.25 -3.36
C VAL A 222 3.93 10.65 -3.01
N SER A 223 3.88 9.32 -2.86
CA SER A 223 2.68 8.67 -2.36
C SER A 223 1.47 8.90 -3.27
N PHE A 224 0.29 8.96 -2.67
CA PHE A 224 -0.95 8.98 -3.45
C PHE A 224 -2.00 9.95 -2.90
N THR A 225 -3.04 10.18 -3.70
CA THR A 225 -4.29 10.73 -3.19
C THR A 225 -5.32 9.61 -3.15
N PHE A 226 -6.29 9.73 -2.26
CA PHE A 226 -7.37 8.74 -2.19
C PHE A 226 -8.70 9.43 -2.08
N GLY A 227 -9.70 8.88 -2.75
CA GLY A 227 -11.02 9.46 -2.79
C GLY A 227 -11.94 9.03 -1.67
N ALA A 228 -13.18 9.53 -1.70
CA ALA A 228 -14.15 9.25 -0.66
C ALA A 228 -14.50 7.75 -0.62
N GLU A 229 -14.53 7.12 -1.79
CA GLU A 229 -14.83 5.69 -1.88
C GLU A 229 -13.79 4.85 -1.13
N VAL A 230 -12.52 5.20 -1.31
CA VAL A 230 -11.43 4.50 -0.63
C VAL A 230 -11.58 4.57 0.90
N VAL A 231 -11.97 5.74 1.38
CA VAL A 231 -12.24 5.93 2.80
C VAL A 231 -13.40 5.05 3.28
N ALA A 232 -14.50 5.07 2.56
CA ALA A 232 -15.69 4.28 2.95
C ALA A 232 -15.36 2.80 3.03
N LYS A 233 -14.68 2.27 2.01
CA LYS A 233 -14.28 0.87 1.98
C LYS A 233 -13.33 0.54 3.14
N PHE A 234 -12.42 1.45 3.44
CA PHE A 234 -11.46 1.19 4.50
C PHE A 234 -12.16 1.12 5.85
N LEU A 235 -13.01 2.11 6.13
CA LEU A 235 -13.74 2.15 7.39
C LEU A 235 -14.63 0.91 7.58
N HIS A 236 -15.30 0.49 6.51
CA HIS A 236 -16.18 -0.66 6.58
C HIS A 236 -15.39 -1.95 6.82
N LYS A 237 -14.26 -2.08 6.13
CA LYS A 237 -13.41 -3.26 6.23
C LYS A 237 -12.86 -3.49 7.64
N HIS A 238 -12.41 -2.42 8.31
CA HIS A 238 -11.79 -2.54 9.63
C HIS A 238 -12.72 -2.14 10.78
N ASP A 239 -14.01 -1.99 10.47
CA ASP A 239 -15.04 -1.65 11.44
C ASP A 239 -14.69 -0.37 12.22
N LEU A 240 -14.29 0.67 11.48
CA LEU A 240 -13.89 1.97 12.05
C LEU A 240 -14.94 3.01 11.69
N ASP A 241 -15.00 4.12 12.42
CA ASP A 241 -15.97 5.17 12.11
C ASP A 241 -15.36 6.39 11.46
N LEU A 242 -14.06 6.57 11.61
CA LEU A 242 -13.43 7.84 11.25
C LEU A 242 -11.93 7.71 11.03
N ILE A 243 -11.44 8.40 10.01
CA ILE A 243 -10.01 8.59 9.86
C ILE A 243 -9.65 10.00 10.33
N CYS A 244 -8.73 10.08 11.28
CA CYS A 244 -8.26 11.35 11.76
C CYS A 244 -6.80 11.53 11.35
N ARG A 245 -6.54 12.53 10.51
CA ARG A 245 -5.20 12.77 10.02
C ARG A 245 -4.89 14.25 9.99
N ALA A 246 -3.73 14.60 9.45
CA ALA A 246 -3.25 15.97 9.52
C ALA A 246 -2.65 16.39 8.17
N HIS A 247 -1.41 16.88 8.19
CA HIS A 247 -0.58 16.92 6.99
C HIS A 247 -1.01 17.98 5.96
N GLN A 248 -2.21 18.52 6.11
CA GLN A 248 -2.66 19.57 5.20
C GLN A 248 -3.22 20.77 5.96
N VAL A 249 -2.80 21.96 5.57
CA VAL A 249 -3.31 23.16 6.23
C VAL A 249 -4.75 23.36 5.77
N VAL A 250 -5.65 23.53 6.74
CA VAL A 250 -7.06 23.81 6.44
C VAL A 250 -7.45 25.09 7.18
N GLU A 251 -8.32 25.89 6.56
CA GLU A 251 -8.65 27.23 7.03
C GLU A 251 -9.10 27.33 8.49
N ASP A 252 -9.96 26.40 8.94
CA ASP A 252 -10.53 26.51 10.28
C ASP A 252 -9.86 25.57 11.27
N GLY A 253 -8.71 25.04 10.89
CA GLY A 253 -7.95 24.15 11.76
C GLY A 253 -8.41 22.70 11.62
N TYR A 254 -9.68 22.52 11.25
CA TYR A 254 -10.16 21.17 10.98
C TYR A 254 -11.08 21.21 9.76
N GLU A 255 -11.11 20.10 9.03
CA GLU A 255 -11.95 20.00 7.83
C GLU A 255 -12.37 18.56 7.59
N PHE A 256 -13.66 18.38 7.38
CA PHE A 256 -14.21 17.06 7.12
C PHE A 256 -14.02 16.66 5.66
N PHE A 257 -13.97 15.35 5.44
CA PHE A 257 -13.90 14.79 4.10
C PHE A 257 -14.82 13.59 4.03
N ALA A 258 -15.47 13.39 2.87
CA ALA A 258 -16.30 12.21 2.66
C ALA A 258 -17.38 12.08 3.72
N LYS A 259 -18.27 13.07 3.80
CA LYS A 259 -19.39 13.03 4.73
C LYS A 259 -18.95 12.71 6.17
N ARG A 260 -17.94 13.42 6.63
CA ARG A 260 -17.46 13.30 8.02
C ARG A 260 -16.87 11.92 8.38
N GLN A 261 -16.48 11.14 7.37
CA GLN A 261 -15.78 9.89 7.62
C GLN A 261 -14.28 10.10 7.81
N LEU A 262 -13.77 11.24 7.33
CA LEU A 262 -12.39 11.62 7.58
C LEU A 262 -12.34 13.07 8.05
N VAL A 263 -11.47 13.36 9.01
CA VAL A 263 -11.24 14.75 9.40
C VAL A 263 -9.74 15.04 9.36
N THR A 264 -9.40 16.20 8.82
CA THR A 264 -8.03 16.69 8.81
C THR A 264 -7.88 17.67 9.95
N LEU A 265 -6.84 17.51 10.76
CA LEU A 265 -6.53 18.47 11.82
C LEU A 265 -5.21 19.16 11.52
N PHE A 266 -5.18 20.47 11.73
CA PHE A 266 -3.96 21.23 11.57
C PHE A 266 -3.89 22.22 12.73
N SER A 267 -2.83 22.18 13.52
CA SER A 267 -2.82 22.91 14.79
C SER A 267 -1.88 24.10 14.84
N ALA A 268 -1.37 24.51 13.68
CA ALA A 268 -0.46 25.65 13.59
C ALA A 268 -1.16 26.82 12.92
N PRO A 269 -1.70 27.75 13.72
CA PRO A 269 -2.44 28.91 13.22
C PRO A 269 -1.52 29.82 12.40
N ASN A 270 -2.06 30.48 11.38
CA ASN A 270 -1.26 31.33 10.49
C ASN A 270 0.05 30.65 10.05
N TYR A 271 -0.07 29.45 9.49
CA TYR A 271 1.07 28.59 9.13
C TYR A 271 2.08 29.29 8.22
N CYS A 272 3.35 29.26 8.63
CA CYS A 272 4.47 29.90 7.90
C CYS A 272 4.36 31.41 7.76
N GLY A 273 3.37 32.01 8.41
CA GLY A 273 3.09 33.44 8.22
C GLY A 273 2.49 33.73 6.85
N GLU A 274 2.12 32.67 6.12
CA GLU A 274 1.68 32.84 4.73
C GLU A 274 0.19 32.55 4.61
N PHE A 275 -0.32 31.68 5.46
CA PHE A 275 -1.73 31.30 5.43
C PHE A 275 -2.45 32.07 6.53
N ASP A 276 -3.76 32.20 6.44
CA ASP A 276 -4.51 32.89 7.49
C ASP A 276 -5.39 31.90 8.23
N ASN A 277 -4.92 30.67 8.32
CA ASN A 277 -5.67 29.59 8.91
C ASN A 277 -5.70 29.63 10.42
N ALA A 278 -6.76 29.08 10.99
CA ALA A 278 -6.81 28.79 12.41
C ALA A 278 -6.18 27.41 12.67
N GLY A 279 -5.86 27.14 13.92
CA GLY A 279 -5.42 25.80 14.30
C GLY A 279 -6.57 25.12 15.03
N ALA A 280 -6.60 23.80 15.04
CA ALA A 280 -7.65 23.12 15.78
C ALA A 280 -7.13 21.97 16.59
N MET A 281 -7.90 21.61 17.60
CA MET A 281 -7.62 20.49 18.47
C MET A 281 -8.95 19.74 18.62
N MET A 282 -8.93 18.42 18.46
CA MET A 282 -10.16 17.66 18.59
C MET A 282 -10.18 16.91 19.90
N SER A 283 -11.21 17.12 20.70
CA SER A 283 -11.38 16.38 21.93
C SER A 283 -12.33 15.23 21.69
N VAL A 284 -11.91 14.05 22.14
CA VAL A 284 -12.74 12.87 22.08
C VAL A 284 -13.09 12.47 23.50
N ASP A 285 -14.37 12.48 23.88
CA ASP A 285 -14.71 12.06 25.24
C ASP A 285 -14.93 10.54 25.29
N GLU A 286 -15.27 10.02 26.48
CA GLU A 286 -15.36 8.58 26.70
C GLU A 286 -16.43 7.89 25.83
N THR A 287 -17.40 8.67 25.34
CA THR A 287 -18.44 8.12 24.47
C THR A 287 -18.14 8.31 23.00
N LEU A 288 -16.90 8.72 22.70
CA LEU A 288 -16.45 9.01 21.33
C LEU A 288 -17.22 10.15 20.67
N MET A 289 -17.66 11.10 21.47
CA MET A 289 -18.19 12.36 20.96
C MET A 289 -17.00 13.27 20.69
N CYS A 290 -16.90 13.78 19.47
CA CYS A 290 -15.75 14.57 19.05
C CYS A 290 -16.11 16.04 18.94
N SER A 291 -15.32 16.90 19.59
CA SER A 291 -15.60 18.33 19.55
C SER A 291 -14.34 19.10 19.23
N PHE A 292 -14.50 20.30 18.68
CA PHE A 292 -13.36 21.05 18.19
C PHE A 292 -13.15 22.33 18.96
N GLN A 293 -11.90 22.55 19.37
CA GLN A 293 -11.46 23.86 19.85
C GLN A 293 -10.63 24.48 18.75
N ILE A 294 -10.99 25.70 18.38
CA ILE A 294 -10.30 26.42 17.32
C ILE A 294 -9.44 27.53 17.88
N LEU A 295 -8.17 27.54 17.49
CA LEU A 295 -7.24 28.61 17.87
C LEU A 295 -7.08 29.61 16.72
N LYS A 296 -7.67 30.79 16.84
CA LYS A 296 -7.43 31.85 15.87
C LYS A 296 -5.99 32.35 16.04
N PRO A 297 -5.35 32.78 14.94
CA PRO A 297 -3.96 33.28 15.06
C PRO A 297 -3.84 34.57 15.88
N ALA A 298 -2.79 34.66 16.68
CA ALA A 298 -2.53 35.82 17.56
C ALA A 298 -2.57 37.15 16.81
N ALA B 5 -20.67 -0.75 22.33
CA ALA B 5 -21.32 -0.34 21.09
C ALA B 5 -21.28 1.19 20.90
N ARG B 6 -20.09 1.76 21.09
CA ARG B 6 -19.88 3.22 20.96
C ARG B 6 -19.70 3.64 19.51
N LYS B 7 -20.28 4.79 19.15
CA LYS B 7 -20.19 5.29 17.78
C LYS B 7 -19.65 6.72 17.78
N VAL B 8 -18.81 7.01 16.79
CA VAL B 8 -18.23 8.35 16.67
C VAL B 8 -19.29 9.35 16.23
N ARG B 9 -19.43 10.42 17.03
CA ARG B 9 -20.34 11.52 16.73
C ARG B 9 -19.62 12.85 16.88
N PHE B 10 -20.11 13.87 16.19
CA PHE B 10 -19.49 15.19 16.20
C PHE B 10 -20.36 16.23 16.87
N SER B 11 -19.79 16.93 17.85
CA SER B 11 -20.49 18.00 18.52
C SER B 11 -20.60 19.21 17.58
N GLU B 12 -21.72 19.91 17.67
CA GLU B 12 -21.88 21.14 16.90
C GLU B 12 -21.49 22.34 17.76
N LYS B 13 -21.07 22.06 18.98
CA LYS B 13 -20.58 23.11 19.89
C LYS B 13 -19.10 23.32 19.60
N VAL B 14 -18.80 24.34 18.82
CA VAL B 14 -17.41 24.66 18.51
C VAL B 14 -16.95 25.80 19.40
N THR B 15 -15.75 25.65 19.96
CA THR B 15 -15.15 26.65 20.82
C THR B 15 -14.03 27.34 20.06
N VAL B 16 -14.06 28.67 20.01
CA VAL B 16 -13.01 29.43 19.33
C VAL B 16 -12.26 30.26 20.35
N HIS B 17 -10.93 30.26 20.26
CA HIS B 17 -10.09 31.03 21.19
C HIS B 17 -9.38 32.16 20.46
N PHE B 18 -9.66 33.40 20.88
CA PHE B 18 -9.10 34.62 20.29
C PHE B 18 -8.11 35.26 21.24
N LEU B 19 -7.35 36.22 20.73
CA LEU B 19 -6.55 37.11 21.59
C LEU B 19 -6.96 38.57 21.36
N ALA B 20 -7.55 39.19 22.39
CA ALA B 20 -8.00 40.58 22.32
C ALA B 20 -6.84 41.57 22.41
N SER C 5 20.02 -9.04 -31.44
CA SER C 5 21.07 -8.36 -30.71
C SER C 5 20.76 -8.29 -29.21
N LEU C 6 20.10 -9.32 -28.72
CA LEU C 6 19.71 -9.42 -27.31
C LEU C 6 20.31 -10.68 -26.67
N ASN C 7 21.14 -10.50 -25.64
CA ASN C 7 21.74 -11.65 -25.00
C ASN C 7 20.79 -12.33 -24.03
N LEU C 8 19.85 -13.07 -24.58
CA LEU C 8 18.81 -13.72 -23.81
C LEU C 8 19.38 -14.67 -22.76
N ASP C 9 20.32 -15.50 -23.20
CA ASP C 9 20.86 -16.55 -22.35
C ASP C 9 21.62 -16.00 -21.14
N SER C 10 22.34 -14.90 -21.34
CA SER C 10 23.03 -14.25 -20.24
C SER C 10 22.01 -13.63 -19.30
N ILE C 11 20.99 -13.00 -19.88
CA ILE C 11 19.91 -12.40 -19.09
C ILE C 11 19.24 -13.46 -18.25
N ILE C 12 18.91 -14.58 -18.89
CA ILE C 12 18.24 -15.68 -18.21
C ILE C 12 19.15 -16.29 -17.16
N GLY C 13 20.42 -16.49 -17.52
CA GLY C 13 21.39 -17.00 -16.59
C GLY C 13 21.50 -16.13 -15.34
N ARG C 14 21.49 -14.81 -15.54
CA ARG C 14 21.59 -13.89 -14.42
C ARG C 14 20.31 -13.86 -13.57
N LEU C 15 19.16 -13.97 -14.24
CA LEU C 15 17.88 -14.06 -13.52
C LEU C 15 17.77 -15.35 -12.71
N LEU C 16 18.26 -16.45 -13.27
CA LEU C 16 18.18 -17.76 -12.64
C LEU C 16 19.30 -17.98 -11.63
N GLU C 17 20.33 -17.14 -11.73
CA GLU C 17 21.52 -17.23 -10.89
C GLU C 17 21.19 -17.23 -9.40
N VAL C 18 20.16 -16.48 -9.03
CA VAL C 18 19.87 -16.25 -7.61
C VAL C 18 18.98 -17.29 -6.99
N GLN C 19 18.73 -18.36 -7.72
CA GLN C 19 17.95 -19.46 -7.20
C GLN C 19 18.70 -20.08 -6.04
N GLY C 20 18.02 -20.24 -4.91
CA GLY C 20 18.64 -20.85 -3.75
C GLY C 20 19.36 -19.86 -2.85
N SER C 21 19.46 -18.61 -3.29
CA SER C 21 19.98 -17.55 -2.44
C SER C 21 18.90 -17.17 -1.43
N ARG C 22 19.28 -16.41 -0.40
CA ARG C 22 18.31 -15.90 0.55
C ARG C 22 17.23 -15.12 -0.19
N PRO C 23 15.97 -15.60 -0.10
CA PRO C 23 14.85 -15.01 -0.84
C PRO C 23 14.77 -13.50 -0.65
N GLY C 24 14.60 -12.78 -1.75
CA GLY C 24 14.63 -11.34 -1.75
C GLY C 24 15.81 -10.76 -2.51
N LYS C 25 16.83 -11.58 -2.77
CA LYS C 25 18.02 -11.15 -3.51
C LYS C 25 17.70 -10.64 -4.92
N ASN C 26 18.05 -9.38 -5.19
CA ASN C 26 17.68 -8.75 -6.45
C ASN C 26 18.55 -9.21 -7.60
N VAL C 27 18.00 -9.12 -8.80
CA VAL C 27 18.77 -9.23 -10.02
C VAL C 27 18.56 -7.93 -10.76
N GLN C 28 19.64 -7.18 -10.93
CA GLN C 28 19.57 -5.86 -11.53
C GLN C 28 20.13 -5.92 -12.96
N LEU C 29 19.23 -6.18 -13.90
CA LEU C 29 19.55 -6.13 -15.32
C LEU C 29 19.82 -4.68 -15.72
N THR C 30 20.44 -4.47 -16.88
CA THR C 30 20.55 -3.13 -17.41
C THR C 30 19.21 -2.70 -18.01
N GLU C 31 18.97 -1.40 -18.00
CA GLU C 31 17.81 -0.78 -18.61
C GLU C 31 17.60 -1.27 -20.06
N ASN C 32 18.68 -1.31 -20.85
CA ASN C 32 18.55 -1.74 -22.24
C ASN C 32 18.21 -3.22 -22.41
N GLU C 33 18.61 -4.04 -21.46
CA GLU C 33 18.27 -5.46 -21.49
C GLU C 33 16.78 -5.59 -21.28
N ILE C 34 16.26 -4.87 -20.29
CA ILE C 34 14.84 -4.91 -19.99
C ILE C 34 14.03 -4.29 -21.14
N ARG C 35 14.52 -3.19 -21.71
CA ARG C 35 13.89 -2.64 -22.90
C ARG C 35 13.90 -3.65 -24.04
N GLY C 36 14.99 -4.41 -24.12
CA GLY C 36 15.11 -5.46 -25.12
C GLY C 36 14.04 -6.53 -24.96
N LEU C 37 13.83 -6.98 -23.72
CA LEU C 37 12.82 -7.98 -23.40
C LEU C 37 11.41 -7.51 -23.78
N CYS C 38 11.11 -6.26 -23.43
CA CYS C 38 9.82 -5.64 -23.77
C CYS C 38 9.63 -5.53 -25.27
N LEU C 39 10.65 -5.06 -25.97
CA LEU C 39 10.55 -4.89 -27.41
C LEU C 39 10.36 -6.22 -28.13
N LYS C 40 11.19 -7.19 -27.79
CA LYS C 40 11.17 -8.46 -28.52
C LYS C 40 9.94 -9.30 -28.18
N SER C 41 9.49 -9.26 -26.93
CA SER C 41 8.32 -10.03 -26.53
C SER C 41 7.05 -9.39 -27.08
N ARG C 42 7.02 -8.05 -27.11
CA ARG C 42 5.90 -7.34 -27.70
C ARG C 42 5.66 -7.78 -29.14
N GLU C 43 6.73 -7.92 -29.91
CA GLU C 43 6.64 -8.39 -31.29
C GLU C 43 6.03 -9.79 -31.35
N ILE C 44 6.40 -10.64 -30.39
CA ILE C 44 5.90 -12.01 -30.37
C ILE C 44 4.42 -12.05 -29.99
N PHE C 45 4.04 -11.24 -29.00
CA PHE C 45 2.64 -11.14 -28.58
C PHE C 45 1.72 -10.74 -29.73
N LEU C 46 2.15 -9.75 -30.49
CA LEU C 46 1.38 -9.25 -31.63
C LEU C 46 1.37 -10.22 -32.80
N SER C 47 2.39 -11.08 -32.90
CA SER C 47 2.47 -12.03 -34.02
C SER C 47 1.64 -13.28 -33.75
N GLN C 48 1.22 -13.44 -32.50
CA GLN C 48 0.37 -14.54 -32.09
C GLN C 48 -1.03 -14.01 -31.80
N PRO C 49 -2.06 -14.86 -31.89
CA PRO C 49 -3.44 -14.39 -31.72
C PRO C 49 -3.71 -13.81 -30.34
N ILE C 50 -4.65 -12.89 -30.21
CA ILE C 50 -4.99 -12.31 -28.91
C ILE C 50 -5.83 -13.30 -28.11
N LEU C 51 -6.43 -14.24 -28.83
CA LEU C 51 -7.05 -15.42 -28.23
C LEU C 51 -6.20 -16.63 -28.58
N LEU C 52 -5.42 -17.10 -27.62
CA LEU C 52 -4.46 -18.17 -27.86
C LEU C 52 -5.17 -19.50 -28.04
N GLU C 53 -4.64 -20.31 -28.94
CA GLU C 53 -5.12 -21.67 -29.12
C GLU C 53 -4.00 -22.67 -28.80
N LEU C 54 -4.10 -23.29 -27.64
CA LEU C 54 -3.00 -24.10 -27.12
C LEU C 54 -3.35 -25.58 -27.02
N GLU C 55 -2.31 -26.41 -26.95
CA GLU C 55 -2.47 -27.85 -26.85
C GLU C 55 -1.78 -28.39 -25.61
N ALA C 56 -2.44 -29.32 -24.93
CA ALA C 56 -1.81 -30.03 -23.82
C ALA C 56 -0.74 -30.98 -24.37
N PRO C 57 0.25 -31.36 -23.54
CA PRO C 57 0.43 -31.03 -22.12
C PRO C 57 0.93 -29.62 -21.88
N LEU C 58 0.49 -29.05 -20.77
CA LEU C 58 0.99 -27.75 -20.34
C LEU C 58 0.66 -27.50 -18.88
N LYS C 59 1.38 -26.57 -18.27
CA LYS C 59 1.12 -26.20 -16.90
C LYS C 59 0.51 -24.81 -16.85
N ILE C 60 -0.52 -24.65 -16.01
CA ILE C 60 -1.19 -23.36 -15.90
C ILE C 60 -0.97 -22.79 -14.51
N CYS C 61 -0.51 -21.55 -14.46
CA CYS C 61 -0.29 -20.88 -13.19
C CYS C 61 -1.11 -19.61 -13.12
N GLY C 62 -1.57 -19.27 -11.90
CA GLY C 62 -2.30 -18.03 -11.66
C GLY C 62 -1.37 -16.90 -11.21
N ASP C 63 -1.89 -15.99 -10.41
CA ASP C 63 -1.18 -14.75 -10.09
C ASP C 63 0.18 -14.98 -9.44
N ILE C 64 1.17 -14.20 -9.86
CA ILE C 64 2.52 -14.25 -9.31
C ILE C 64 2.80 -13.01 -8.45
N HIS C 65 2.38 -11.86 -8.95
CA HIS C 65 2.47 -10.59 -8.21
C HIS C 65 3.85 -10.34 -7.62
N GLY C 66 4.87 -10.42 -8.48
CA GLY C 66 6.21 -10.03 -8.09
C GLY C 66 6.85 -10.91 -7.04
N GLN C 67 6.27 -12.07 -6.76
CA GLN C 67 6.90 -13.00 -5.82
C GLN C 67 7.86 -13.87 -6.59
N TYR C 68 9.02 -13.30 -6.91
CA TYR C 68 9.94 -13.90 -7.86
C TYR C 68 10.42 -15.25 -7.40
N TYR C 69 10.69 -15.39 -6.10
CA TYR C 69 11.20 -16.67 -5.64
C TYR C 69 10.10 -17.73 -5.62
N ASP C 70 8.85 -17.30 -5.63
CA ASP C 70 7.77 -18.27 -5.75
C ASP C 70 7.60 -18.67 -7.21
N LEU C 71 7.86 -17.73 -8.11
CA LEU C 71 7.95 -18.05 -9.52
C LEU C 71 9.02 -19.12 -9.78
N LEU C 72 10.21 -18.97 -9.18
CA LEU C 72 11.27 -19.95 -9.37
C LEU C 72 10.87 -21.33 -8.81
N ARG C 73 10.17 -21.33 -7.69
CA ARG C 73 9.65 -22.57 -7.11
C ARG C 73 8.69 -23.27 -8.07
N LEU C 74 7.86 -22.48 -8.74
CA LEU C 74 6.92 -23.03 -9.71
C LEU C 74 7.70 -23.75 -10.79
N PHE C 75 8.74 -23.10 -11.29
CA PHE C 75 9.56 -23.69 -12.32
C PHE C 75 10.33 -24.88 -11.79
N GLU C 76 10.77 -24.79 -10.53
CA GLU C 76 11.44 -25.91 -9.90
C GLU C 76 10.57 -27.17 -9.92
N TYR C 77 9.32 -27.05 -9.47
CA TYR C 77 8.43 -28.20 -9.35
C TYR C 77 7.76 -28.56 -10.68
N GLY C 78 7.49 -27.56 -11.51
CA GLY C 78 6.86 -27.85 -12.80
C GLY C 78 7.84 -28.27 -13.87
N GLY C 79 9.09 -27.85 -13.70
CA GLY C 79 10.11 -28.04 -14.70
C GLY C 79 10.38 -26.70 -15.37
N PHE C 80 11.64 -26.30 -15.45
CA PHE C 80 11.99 -25.06 -16.15
C PHE C 80 11.80 -25.23 -17.64
N PRO C 81 11.29 -24.17 -18.30
CA PRO C 81 11.19 -24.20 -19.76
C PRO C 81 12.55 -24.56 -20.37
N PRO C 82 12.56 -25.38 -21.43
CA PRO C 82 11.35 -25.85 -22.10
C PRO C 82 10.93 -27.26 -21.67
N GLU C 83 11.30 -27.71 -20.48
CA GLU C 83 10.94 -29.05 -20.02
C GLU C 83 9.42 -29.22 -19.95
N SER C 84 8.71 -28.16 -19.57
CA SER C 84 7.25 -28.16 -19.56
C SER C 84 6.73 -26.93 -20.30
N ASN C 85 5.56 -27.04 -20.91
CA ASN C 85 4.90 -25.88 -21.50
C ASN C 85 4.15 -25.12 -20.42
N TYR C 86 4.08 -23.80 -20.54
CA TYR C 86 3.41 -22.97 -19.53
C TYR C 86 2.42 -22.01 -20.10
N LEU C 87 1.33 -21.84 -19.36
CA LEU C 87 0.41 -20.74 -19.56
C LEU C 87 0.27 -20.04 -18.22
N PHE C 88 0.58 -18.76 -18.20
CA PHE C 88 0.36 -17.95 -17.00
C PHE C 88 -0.89 -17.11 -17.22
N LEU C 89 -1.69 -16.95 -16.16
CA LEU C 89 -3.00 -16.31 -16.26
C LEU C 89 -2.99 -14.83 -15.88
N GLY C 90 -1.80 -14.23 -15.78
CA GLY C 90 -1.71 -12.78 -15.58
C GLY C 90 -1.33 -12.32 -14.19
N ASP C 91 -1.31 -11.00 -13.98
CA ASP C 91 -0.94 -10.41 -12.69
C ASP C 91 0.46 -10.81 -12.28
N TYR C 92 1.42 -10.36 -13.08
CA TYR C 92 2.82 -10.69 -12.86
C TYR C 92 3.45 -9.69 -11.92
N VAL C 93 2.90 -8.47 -11.92
CA VAL C 93 3.49 -7.36 -11.19
C VAL C 93 2.56 -6.84 -10.10
N ASP C 94 3.09 -5.91 -9.30
CA ASP C 94 2.39 -5.28 -8.15
C ASP C 94 2.35 -6.17 -6.93
N ARG C 95 2.21 -5.53 -5.77
CA ARG C 95 2.04 -6.20 -4.48
C ARG C 95 3.31 -6.86 -3.95
N GLY C 96 4.02 -7.58 -4.81
CA GLY C 96 5.26 -8.24 -4.41
C GLY C 96 6.47 -7.33 -4.43
N LYS C 97 7.60 -7.86 -3.97
CA LYS C 97 8.81 -7.06 -3.83
C LYS C 97 9.65 -7.12 -5.10
N GLN C 98 9.37 -8.09 -6.00
CA GLN C 98 10.25 -8.27 -7.15
C GLN C 98 9.48 -8.47 -8.45
N SER C 99 8.63 -7.49 -8.77
CA SER C 99 7.88 -7.47 -10.01
C SER C 99 8.81 -7.47 -11.20
N LEU C 100 9.93 -6.75 -11.08
CA LEU C 100 10.84 -6.60 -12.20
C LEU C 100 11.48 -7.95 -12.57
N GLU C 101 12.06 -8.64 -11.58
CA GLU C 101 12.64 -9.96 -11.85
C GLU C 101 11.61 -10.91 -12.42
N THR C 102 10.40 -10.87 -11.86
CA THR C 102 9.33 -11.76 -12.27
C THR C 102 8.96 -11.55 -13.74
N ILE C 103 8.62 -10.33 -14.11
CA ILE C 103 8.15 -10.10 -15.48
C ILE C 103 9.29 -10.29 -16.49
N CYS C 104 10.51 -9.92 -16.12
CA CYS C 104 11.67 -10.09 -17.00
C CYS C 104 11.97 -11.56 -17.30
N LEU C 105 11.85 -12.43 -16.30
CA LEU C 105 12.08 -13.84 -16.54
C LEU C 105 10.97 -14.38 -17.43
N LEU C 106 9.74 -13.94 -17.16
CA LEU C 106 8.60 -14.39 -17.96
C LEU C 106 8.74 -13.93 -19.40
N LEU C 107 9.07 -12.65 -19.58
CA LEU C 107 9.30 -12.10 -20.93
C LEU C 107 10.47 -12.80 -21.60
N ALA C 108 11.54 -13.04 -20.85
CA ALA C 108 12.71 -13.71 -21.39
C ALA C 108 12.33 -15.08 -21.91
N TYR C 109 11.57 -15.81 -21.11
CA TYR C 109 11.14 -17.15 -21.50
C TYR C 109 10.18 -17.12 -22.67
N LYS C 110 9.37 -16.08 -22.75
CA LYS C 110 8.46 -15.92 -23.87
C LYS C 110 9.26 -15.79 -25.16
N ILE C 111 10.35 -15.03 -25.10
CA ILE C 111 11.19 -14.79 -26.27
C ILE C 111 12.00 -16.05 -26.61
N LYS C 112 12.45 -16.74 -25.57
CA LYS C 112 13.26 -17.94 -25.73
C LYS C 112 12.44 -19.11 -26.27
N TYR C 113 11.21 -19.25 -25.78
CA TYR C 113 10.36 -20.37 -26.18
C TYR C 113 8.95 -19.91 -26.56
N PRO C 114 8.84 -19.17 -27.67
CA PRO C 114 7.59 -18.49 -28.01
C PRO C 114 6.45 -19.45 -28.35
N GLU C 115 6.77 -20.69 -28.68
CA GLU C 115 5.74 -21.65 -29.02
C GLU C 115 5.46 -22.61 -27.86
N ASN C 116 6.17 -22.43 -26.74
CA ASN C 116 6.03 -23.34 -25.61
C ASN C 116 5.77 -22.61 -24.30
N PHE C 117 5.69 -21.29 -24.39
CA PHE C 117 5.59 -20.45 -23.21
C PHE C 117 4.58 -19.34 -23.49
N PHE C 118 3.58 -19.17 -22.62
CA PHE C 118 2.53 -18.21 -22.91
C PHE C 118 2.09 -17.43 -21.69
N LEU C 119 1.83 -16.15 -21.90
CA LEU C 119 1.46 -15.21 -20.86
C LEU C 119 0.15 -14.52 -21.23
N LEU C 120 -0.84 -14.61 -20.37
CA LEU C 120 -2.07 -13.84 -20.55
C LEU C 120 -1.96 -12.52 -19.83
N ARG C 121 -2.81 -11.57 -20.18
CA ARG C 121 -2.87 -10.29 -19.52
C ARG C 121 -3.75 -10.36 -18.26
N GLY C 122 -3.23 -9.91 -17.13
CA GLY C 122 -4.07 -9.76 -15.94
C GLY C 122 -4.48 -8.30 -15.79
N ASN C 123 -5.30 -7.99 -14.81
CA ASN C 123 -5.74 -6.61 -14.64
C ASN C 123 -4.64 -5.74 -14.07
N HIS C 124 -3.55 -6.33 -13.58
CA HIS C 124 -2.44 -5.51 -13.09
C HIS C 124 -1.45 -5.21 -14.21
N GLU C 125 -1.64 -5.83 -15.38
CA GLU C 125 -0.85 -5.49 -16.57
C GLU C 125 -1.53 -4.33 -17.28
N CYS C 126 -1.66 -3.24 -16.54
CA CYS C 126 -2.42 -2.09 -16.95
C CYS C 126 -1.87 -0.89 -16.23
N ALA C 127 -1.52 0.17 -16.96
CA ALA C 127 -0.81 1.31 -16.36
C ALA C 127 -1.59 1.94 -15.20
N SER C 128 -2.89 2.13 -15.39
CA SER C 128 -3.69 2.79 -14.38
C SER C 128 -3.79 1.98 -13.09
N ILE C 129 -3.60 0.67 -13.17
CA ILE C 129 -3.60 -0.16 -11.96
C ILE C 129 -2.19 -0.30 -11.34
N ASN C 130 -1.20 -0.65 -12.15
CA ASN C 130 0.11 -0.92 -11.58
C ASN C 130 0.86 0.38 -11.29
N ARG C 131 0.25 1.51 -11.65
CA ARG C 131 0.70 2.81 -11.18
C ARG C 131 0.54 2.90 -9.67
N ILE C 132 -0.52 2.29 -9.19
CA ILE C 132 -0.95 2.40 -7.80
C ILE C 132 -0.38 1.32 -6.89
N TYR C 133 -0.29 0.08 -7.38
CA TYR C 133 -0.08 -1.06 -6.49
C TYR C 133 1.32 -1.64 -6.49
N GLY C 134 2.29 -0.88 -6.99
CA GLY C 134 3.68 -1.19 -6.72
C GLY C 134 4.64 -1.13 -7.90
N PHE C 135 4.16 -1.46 -9.09
CA PHE C 135 5.08 -1.66 -10.21
C PHE C 135 5.72 -0.36 -10.65
N TYR C 136 4.92 0.70 -10.71
CA TYR C 136 5.46 2.02 -11.01
C TYR C 136 6.54 2.39 -10.01
N ASP C 137 6.28 2.21 -8.72
CA ASP C 137 7.27 2.56 -7.69
C ASP C 137 8.55 1.73 -7.82
N GLU C 138 8.40 0.46 -8.19
CA GLU C 138 9.55 -0.41 -8.35
C GLU C 138 10.40 0.06 -9.53
N CYS C 139 9.73 0.38 -10.63
CA CYS C 139 10.40 0.90 -11.81
C CYS C 139 11.09 2.22 -11.52
N LYS C 140 10.38 3.11 -10.82
CA LYS C 140 10.90 4.44 -10.54
C LYS C 140 12.13 4.33 -9.65
N ARG C 141 12.08 3.40 -8.71
CA ARG C 141 13.15 3.25 -7.75
C ARG C 141 14.38 2.59 -8.37
N ARG C 142 14.16 1.53 -9.12
CA ARG C 142 15.25 0.71 -9.60
C ARG C 142 15.72 1.08 -11.00
N TYR C 143 14.87 1.80 -11.74
CA TYR C 143 15.22 2.22 -13.10
C TYR C 143 14.74 3.65 -13.29
N ASN C 144 13.77 3.85 -14.17
CA ASN C 144 13.15 5.16 -14.34
C ASN C 144 11.70 5.00 -14.83
N ILE C 145 10.92 6.07 -14.80
CA ILE C 145 9.52 5.98 -15.17
C ILE C 145 9.36 5.73 -16.66
N LYS C 146 10.36 6.12 -17.45
CA LYS C 146 10.35 5.82 -18.88
C LYS C 146 10.33 4.30 -19.15
N LEU C 147 10.98 3.54 -18.28
CA LEU C 147 11.02 2.10 -18.43
C LEU C 147 9.65 1.55 -18.09
N TRP C 148 9.01 2.16 -17.09
CA TRP C 148 7.66 1.79 -16.70
C TRP C 148 6.70 1.94 -17.88
N LYS C 149 6.86 3.03 -18.65
CA LYS C 149 6.03 3.24 -19.81
C LYS C 149 6.33 2.21 -20.90
N THR C 150 7.59 1.78 -20.97
CA THR C 150 7.97 0.74 -21.93
C THR C 150 7.26 -0.58 -21.60
N PHE C 151 7.14 -0.89 -20.31
CA PHE C 151 6.41 -2.08 -19.90
C PHE C 151 4.94 -1.95 -20.30
N THR C 152 4.38 -0.78 -20.03
CA THR C 152 2.99 -0.49 -20.36
C THR C 152 2.70 -0.77 -21.84
N ASP C 153 3.60 -0.29 -22.69
CA ASP C 153 3.49 -0.54 -24.12
C ASP C 153 3.58 -2.04 -24.42
N CYS C 154 4.34 -2.77 -23.61
CA CYS C 154 4.46 -4.21 -23.80
C CYS C 154 3.19 -4.93 -23.33
N PHE C 155 2.73 -4.57 -22.14
CA PHE C 155 1.50 -5.13 -21.56
C PHE C 155 0.27 -4.93 -22.43
N ASN C 156 0.20 -3.77 -23.10
CA ASN C 156 -0.94 -3.45 -23.95
C ASN C 156 -1.08 -4.43 -25.13
N CYS C 157 -0.10 -5.32 -25.29
CA CYS C 157 -0.08 -6.26 -26.40
C CYS C 157 -0.24 -7.71 -25.97
N LEU C 158 -0.32 -7.93 -24.66
CA LEU C 158 -0.52 -9.29 -24.15
C LEU C 158 -1.83 -9.86 -24.67
N PRO C 159 -1.86 -11.19 -24.93
CA PRO C 159 -3.10 -11.88 -25.26
C PRO C 159 -4.01 -11.89 -24.03
N ILE C 160 -5.31 -12.05 -24.25
CA ILE C 160 -6.32 -11.82 -23.24
C ILE C 160 -7.00 -13.10 -22.78
N ALA C 161 -6.96 -14.12 -23.62
CA ALA C 161 -7.56 -15.40 -23.28
C ALA C 161 -6.90 -16.51 -24.08
N ALA C 162 -7.10 -17.74 -23.63
CA ALA C 162 -6.58 -18.91 -24.34
C ALA C 162 -7.56 -20.04 -24.21
N ILE C 163 -7.66 -20.85 -25.26
CA ILE C 163 -8.44 -22.07 -25.18
C ILE C 163 -7.50 -23.24 -25.37
N VAL C 164 -7.51 -24.15 -24.40
CA VAL C 164 -6.67 -25.34 -24.46
C VAL C 164 -7.42 -26.54 -25.03
N ASP C 165 -6.99 -27.00 -26.20
CA ASP C 165 -7.57 -28.15 -26.90
C ASP C 165 -9.09 -28.03 -27.06
N GLU C 166 -9.54 -26.80 -27.31
CA GLU C 166 -10.95 -26.52 -27.57
C GLU C 166 -11.87 -26.94 -26.43
N LYS C 167 -11.32 -27.04 -25.22
CA LYS C 167 -12.11 -27.52 -24.08
C LYS C 167 -11.96 -26.69 -22.83
N ILE C 168 -10.79 -26.07 -22.65
CA ILE C 168 -10.55 -25.26 -21.47
C ILE C 168 -10.39 -23.79 -21.84
N PHE C 169 -11.26 -22.95 -21.28
CA PHE C 169 -11.20 -21.51 -21.52
C PHE C 169 -10.44 -20.83 -20.40
N CYS C 170 -9.37 -20.12 -20.77
CA CYS C 170 -8.50 -19.48 -19.79
C CYS C 170 -8.47 -17.97 -19.95
N CYS C 171 -8.56 -17.28 -18.84
CA CYS C 171 -8.45 -15.83 -18.80
C CYS C 171 -8.16 -15.46 -17.36
N HIS C 172 -7.72 -14.23 -17.14
CA HIS C 172 -7.36 -13.81 -15.81
C HIS C 172 -8.55 -13.75 -14.86
N GLY C 173 -9.60 -13.04 -15.28
CA GLY C 173 -10.74 -12.74 -14.43
C GLY C 173 -11.86 -13.74 -14.57
N GLY C 174 -12.69 -13.53 -15.58
CA GLY C 174 -13.79 -14.42 -15.84
C GLY C 174 -14.61 -14.01 -17.04
N LEU C 175 -15.86 -14.42 -17.03
CA LEU C 175 -16.76 -14.22 -18.15
C LEU C 175 -17.26 -12.80 -18.26
N SER C 176 -17.86 -12.50 -19.41
CA SER C 176 -18.41 -11.19 -19.70
C SER C 176 -19.84 -11.35 -20.15
N PRO C 177 -20.74 -10.47 -19.69
CA PRO C 177 -22.10 -10.45 -20.25
C PRO C 177 -22.07 -10.03 -21.72
N ASP C 178 -20.95 -9.44 -22.15
CA ASP C 178 -20.78 -9.04 -23.54
C ASP C 178 -20.15 -10.16 -24.37
N LEU C 179 -19.80 -11.25 -23.72
CA LEU C 179 -19.15 -12.36 -24.41
C LEU C 179 -20.17 -13.42 -24.87
N GLN C 180 -20.51 -13.37 -26.17
CA GLN C 180 -21.40 -14.38 -26.78
C GLN C 180 -20.64 -15.21 -27.79
N SER C 181 -19.62 -14.61 -28.41
CA SER C 181 -18.81 -15.31 -29.38
C SER C 181 -17.33 -15.04 -29.17
N MET C 182 -16.53 -16.05 -29.48
CA MET C 182 -15.07 -15.98 -29.36
C MET C 182 -14.48 -14.97 -30.33
N GLU C 183 -15.22 -14.72 -31.42
CA GLU C 183 -14.79 -13.78 -32.44
C GLU C 183 -14.76 -12.36 -31.88
N GLN C 184 -15.54 -12.12 -30.82
CA GLN C 184 -15.52 -10.83 -30.15
C GLN C 184 -14.18 -10.59 -29.48
N ILE C 185 -13.56 -11.66 -28.99
CA ILE C 185 -12.24 -11.56 -28.39
C ILE C 185 -11.17 -11.42 -29.46
N ARG C 186 -11.21 -12.28 -30.48
CA ARG C 186 -10.24 -12.23 -31.58
C ARG C 186 -10.23 -10.89 -32.29
N ARG C 187 -11.37 -10.20 -32.30
CA ARG C 187 -11.49 -8.93 -33.01
C ARG C 187 -10.79 -7.77 -32.30
N ILE C 188 -10.41 -7.96 -31.04
CA ILE C 188 -9.78 -6.89 -30.27
C ILE C 188 -8.39 -6.56 -30.78
N MET C 189 -8.18 -5.30 -31.16
CA MET C 189 -6.91 -4.86 -31.73
C MET C 189 -5.90 -4.48 -30.65
N ARG C 190 -4.63 -4.67 -30.96
CA ARG C 190 -3.56 -4.29 -30.04
C ARG C 190 -2.59 -3.34 -30.75
N PRO C 191 -1.91 -2.48 -29.98
CA PRO C 191 -1.96 -2.34 -28.52
C PRO C 191 -3.28 -1.75 -28.04
N THR C 192 -3.68 -2.09 -26.83
CA THR C 192 -4.87 -1.48 -26.24
C THR C 192 -4.73 -1.32 -24.75
N ASP C 193 -5.36 -0.28 -24.20
CA ASP C 193 -5.49 -0.17 -22.76
C ASP C 193 -6.69 -1.01 -22.31
N VAL C 194 -6.78 -1.29 -21.02
CA VAL C 194 -7.93 -1.96 -20.46
C VAL C 194 -9.02 -0.92 -20.13
N PRO C 195 -10.20 -1.04 -20.77
CA PRO C 195 -11.30 -0.08 -20.57
C PRO C 195 -11.93 -0.21 -19.19
N ASP C 196 -12.73 0.79 -18.80
CA ASP C 196 -13.39 0.79 -17.49
C ASP C 196 -14.55 -0.20 -17.46
N GLN C 197 -15.01 -0.61 -18.64
CA GLN C 197 -16.13 -1.54 -18.77
C GLN C 197 -16.11 -2.21 -20.14
N GLY C 198 -16.84 -3.31 -20.27
CA GLY C 198 -16.87 -4.02 -21.53
C GLY C 198 -16.13 -5.34 -21.49
N LEU C 199 -16.11 -6.02 -22.63
CA LEU C 199 -15.55 -7.36 -22.77
C LEU C 199 -14.10 -7.48 -22.27
N LEU C 200 -13.20 -6.62 -22.77
CA LEU C 200 -11.79 -6.69 -22.37
C LEU C 200 -11.65 -6.51 -20.86
N CYS C 201 -12.39 -5.55 -20.32
CA CYS C 201 -12.42 -5.31 -18.88
C CYS C 201 -12.91 -6.52 -18.08
N ASP C 202 -14.07 -7.08 -18.47
CA ASP C 202 -14.64 -8.23 -17.77
C ASP C 202 -13.72 -9.44 -17.75
N LEU C 203 -13.06 -9.70 -18.88
CA LEU C 203 -12.19 -10.86 -19.00
C LEU C 203 -11.04 -10.78 -18.00
N LEU C 204 -10.66 -9.57 -17.63
CA LEU C 204 -9.54 -9.35 -16.72
C LEU C 204 -10.00 -9.05 -15.29
N TRP C 205 -11.29 -8.82 -15.10
CA TRP C 205 -11.77 -8.29 -13.83
C TRP C 205 -12.89 -9.04 -13.12
N SER C 206 -13.72 -9.80 -13.84
CA SER C 206 -14.92 -10.36 -13.23
C SER C 206 -14.59 -11.52 -12.28
N ASP C 207 -15.51 -11.86 -11.38
CA ASP C 207 -15.33 -12.91 -10.39
C ASP C 207 -16.51 -13.85 -10.35
N PRO C 208 -16.28 -15.14 -10.08
CA PRO C 208 -17.39 -16.02 -9.77
C PRO C 208 -17.85 -15.71 -8.36
N ASP C 209 -19.14 -15.89 -8.09
CA ASP C 209 -19.66 -15.60 -6.77
C ASP C 209 -20.72 -16.65 -6.41
N LYS C 210 -20.57 -17.24 -5.22
CA LYS C 210 -21.45 -18.31 -4.78
C LYS C 210 -22.87 -17.82 -4.52
N ASP C 211 -23.01 -16.61 -3.98
CA ASP C 211 -24.30 -16.08 -3.56
C ASP C 211 -25.09 -15.40 -4.68
N VAL C 212 -24.50 -15.28 -5.86
CA VAL C 212 -25.13 -14.56 -6.96
C VAL C 212 -25.73 -15.55 -7.96
N GLN C 213 -26.96 -15.31 -8.40
CA GLN C 213 -27.61 -16.20 -9.36
C GLN C 213 -27.06 -15.99 -10.78
N GLY C 214 -27.26 -14.80 -11.33
CA GLY C 214 -26.80 -14.48 -12.67
C GLY C 214 -25.57 -13.60 -12.64
N TRP C 215 -25.74 -12.37 -13.11
CA TRP C 215 -24.70 -11.35 -13.01
C TRP C 215 -25.03 -10.44 -11.83
N GLY C 216 -24.00 -9.95 -11.15
CA GLY C 216 -24.21 -9.04 -10.03
C GLY C 216 -23.12 -7.98 -10.02
N GLU C 217 -23.30 -6.95 -9.19
CA GLU C 217 -22.29 -5.93 -9.03
C GLU C 217 -21.06 -6.51 -8.33
N ASN C 218 -19.88 -6.09 -8.77
CA ASN C 218 -18.65 -6.59 -8.18
C ASN C 218 -18.14 -5.61 -7.13
N ASP C 219 -17.77 -6.15 -5.97
CA ASP C 219 -17.27 -5.36 -4.86
C ASP C 219 -16.02 -4.54 -5.21
N ARG C 220 -15.32 -4.92 -6.28
CA ARG C 220 -14.13 -4.17 -6.71
C ARG C 220 -14.47 -2.79 -7.28
N GLY C 221 -15.74 -2.56 -7.58
CA GLY C 221 -16.17 -1.32 -8.19
C GLY C 221 -15.90 -1.33 -9.69
N VAL C 222 -15.57 -2.51 -10.20
CA VAL C 222 -15.29 -2.73 -11.61
C VAL C 222 -15.92 -4.05 -12.06
N SER C 223 -16.46 -4.08 -13.27
CA SER C 223 -16.97 -5.31 -13.88
C SER C 223 -18.09 -5.97 -13.09
N PHE C 224 -18.15 -7.30 -13.15
CA PHE C 224 -19.29 -8.03 -12.60
C PHE C 224 -18.89 -9.27 -11.79
N THR C 225 -19.86 -9.83 -11.10
CA THR C 225 -19.76 -11.19 -10.62
C THR C 225 -20.70 -12.04 -11.44
N PHE C 226 -20.38 -13.33 -11.59
CA PHE C 226 -21.23 -14.25 -12.32
C PHE C 226 -21.43 -15.55 -11.55
N GLY C 227 -22.66 -16.07 -11.59
CA GLY C 227 -22.99 -17.26 -10.83
C GLY C 227 -22.73 -18.56 -11.56
N ALA C 228 -23.05 -19.68 -10.90
CA ALA C 228 -22.76 -21.00 -11.43
C ALA C 228 -23.54 -21.32 -12.72
N GLU C 229 -24.77 -20.83 -12.80
CA GLU C 229 -25.59 -21.02 -14.00
C GLU C 229 -24.97 -20.35 -15.23
N VAL C 230 -24.44 -19.14 -15.03
CA VAL C 230 -23.78 -18.42 -16.12
C VAL C 230 -22.61 -19.24 -16.69
N VAL C 231 -21.85 -19.90 -15.81
CA VAL C 231 -20.76 -20.77 -16.25
C VAL C 231 -21.31 -21.98 -17.03
N ALA C 232 -22.34 -22.62 -16.49
CA ALA C 232 -22.91 -23.81 -17.12
C ALA C 232 -23.40 -23.52 -18.54
N LYS C 233 -24.16 -22.43 -18.70
CA LYS C 233 -24.67 -22.03 -20.01
C LYS C 233 -23.53 -21.71 -20.97
N PHE C 234 -22.47 -21.06 -20.46
CA PHE C 234 -21.34 -20.69 -21.28
C PHE C 234 -20.57 -21.90 -21.83
N LEU C 235 -20.29 -22.86 -20.95
CA LEU C 235 -19.58 -24.07 -21.34
C LEU C 235 -20.35 -24.86 -22.41
N HIS C 236 -21.67 -24.96 -22.25
CA HIS C 236 -22.50 -25.70 -23.20
C HIS C 236 -22.53 -25.02 -24.56
N LYS C 237 -22.65 -23.70 -24.58
CA LYS C 237 -22.72 -22.93 -25.82
C LYS C 237 -21.46 -23.05 -26.70
N HIS C 238 -20.29 -22.97 -26.06
CA HIS C 238 -19.03 -23.01 -26.81
C HIS C 238 -18.37 -24.37 -26.72
N ASP C 239 -19.12 -25.35 -26.21
CA ASP C 239 -18.69 -26.74 -26.10
C ASP C 239 -17.37 -26.86 -25.33
N LEU C 240 -17.30 -26.25 -24.15
CA LEU C 240 -16.12 -26.29 -23.32
C LEU C 240 -16.40 -27.13 -22.07
N ASP C 241 -15.36 -27.65 -21.44
CA ASP C 241 -15.52 -28.45 -20.22
C ASP C 241 -15.15 -27.66 -18.97
N LEU C 242 -14.39 -26.58 -19.13
CA LEU C 242 -13.82 -25.90 -17.97
C LEU C 242 -13.40 -24.48 -18.25
N ILE C 243 -13.69 -23.60 -17.30
CA ILE C 243 -13.10 -22.28 -17.28
C ILE C 243 -12.01 -22.30 -16.24
N CYS C 244 -10.81 -21.92 -16.67
CA CYS C 244 -9.67 -21.80 -15.79
C CYS C 244 -9.27 -20.34 -15.69
N ARG C 245 -9.35 -19.78 -14.48
CA ARG C 245 -9.05 -18.38 -14.28
C ARG C 245 -8.26 -18.19 -13.00
N ALA C 246 -8.00 -16.94 -12.65
CA ALA C 246 -7.12 -16.62 -11.52
C ALA C 246 -7.67 -15.46 -10.70
N HIS C 247 -6.89 -14.38 -10.52
CA HIS C 247 -7.42 -13.08 -10.11
C HIS C 247 -7.91 -12.99 -8.64
N GLN C 248 -8.14 -14.13 -8.01
CA GLN C 248 -8.59 -14.15 -6.62
C GLN C 248 -7.74 -15.09 -5.74
N VAL C 249 -7.37 -14.61 -4.55
CA VAL C 249 -6.62 -15.42 -3.60
C VAL C 249 -7.49 -16.54 -3.04
N VAL C 250 -7.01 -17.77 -3.14
CA VAL C 250 -7.73 -18.90 -2.59
C VAL C 250 -6.79 -19.69 -1.67
N GLU C 251 -7.32 -20.22 -0.59
CA GLU C 251 -6.54 -20.78 0.52
C GLU C 251 -5.50 -21.84 0.12
N ASP C 252 -5.89 -22.74 -0.76
CA ASP C 252 -5.07 -23.88 -1.14
C ASP C 252 -4.45 -23.71 -2.53
N GLY C 253 -4.52 -22.49 -3.06
CA GLY C 253 -3.95 -22.19 -4.37
C GLY C 253 -4.89 -22.46 -5.52
N TYR C 254 -5.82 -23.38 -5.31
CA TYR C 254 -6.86 -23.66 -6.30
C TYR C 254 -8.18 -23.84 -5.59
N GLU C 255 -9.26 -23.51 -6.28
CA GLU C 255 -10.58 -23.65 -5.71
C GLU C 255 -11.55 -23.83 -6.86
N PHE C 256 -12.38 -24.85 -6.75
CA PHE C 256 -13.39 -25.12 -7.75
C PHE C 256 -14.60 -24.24 -7.55
N PHE C 257 -15.31 -24.00 -8.64
CA PHE C 257 -16.57 -23.29 -8.61
C PHE C 257 -17.54 -24.00 -9.55
N ALA C 258 -18.83 -24.02 -9.18
CA ALA C 258 -19.89 -24.61 -10.00
C ALA C 258 -19.61 -26.06 -10.35
N LYS C 259 -19.51 -26.92 -9.35
CA LYS C 259 -19.30 -28.36 -9.56
C LYS C 259 -18.13 -28.60 -10.50
N ARG C 260 -17.00 -27.97 -10.21
CA ARG C 260 -15.77 -28.18 -10.95
C ARG C 260 -15.81 -27.75 -12.42
N GLN C 261 -16.76 -26.89 -12.77
CA GLN C 261 -16.83 -26.32 -14.11
C GLN C 261 -15.93 -25.11 -14.22
N LEU C 262 -15.61 -24.51 -13.08
CA LEU C 262 -14.64 -23.43 -13.05
C LEU C 262 -13.61 -23.71 -11.96
N VAL C 263 -12.36 -23.39 -12.26
CA VAL C 263 -11.33 -23.45 -11.24
C VAL C 263 -10.61 -22.12 -11.19
N THR C 264 -10.34 -21.66 -9.97
CA THR C 264 -9.52 -20.49 -9.76
C THR C 264 -8.13 -20.96 -9.36
N LEU C 265 -7.10 -20.42 -10.01
CA LEU C 265 -5.71 -20.71 -9.66
C LEU C 265 -5.03 -19.45 -9.13
N PHE C 266 -4.29 -19.59 -8.04
CA PHE C 266 -3.53 -18.47 -7.50
C PHE C 266 -2.16 -19.02 -7.08
N SER C 267 -1.11 -18.45 -7.64
CA SER C 267 0.23 -19.05 -7.53
C SER C 267 1.21 -18.24 -6.69
N ALA C 268 0.70 -17.32 -5.89
CA ALA C 268 1.53 -16.52 -4.99
C ALA C 268 1.25 -16.89 -3.54
N PRO C 269 2.06 -17.80 -2.97
CA PRO C 269 1.80 -18.25 -1.59
C PRO C 269 2.00 -17.13 -0.56
N ASN C 270 1.22 -17.17 0.52
CA ASN C 270 1.21 -16.12 1.53
C ASN C 270 1.20 -14.76 0.87
N TYR C 271 0.16 -14.52 0.08
CA TYR C 271 0.04 -13.31 -0.73
C TYR C 271 0.19 -12.07 0.14
N CYS C 272 1.05 -11.14 -0.29
CA CYS C 272 1.32 -9.90 0.45
C CYS C 272 1.94 -10.10 1.84
N GLY C 273 2.34 -11.32 2.15
CA GLY C 273 2.87 -11.64 3.46
C GLY C 273 1.76 -11.63 4.49
N GLU C 274 0.53 -11.54 4.01
CA GLU C 274 -0.62 -11.37 4.90
C GLU C 274 -1.64 -12.51 4.92
N PHE C 275 -1.80 -13.23 3.80
CA PHE C 275 -2.94 -14.14 3.68
C PHE C 275 -2.70 -15.62 4.01
N ASP C 276 -1.44 -16.02 4.15
CA ASP C 276 -1.06 -17.38 4.55
C ASP C 276 -1.67 -18.47 3.67
N ASN C 277 -1.95 -18.11 2.42
CA ASN C 277 -2.47 -19.03 1.41
C ASN C 277 -1.37 -19.84 0.76
N ALA C 278 -1.74 -20.99 0.22
CA ALA C 278 -0.82 -21.73 -0.63
C ALA C 278 -0.92 -21.20 -2.05
N GLY C 279 0.06 -21.53 -2.87
CA GLY C 279 0.00 -21.27 -4.29
C GLY C 279 -0.25 -22.60 -4.99
N ALA C 280 -0.84 -22.57 -6.18
CA ALA C 280 -1.04 -23.81 -6.91
C ALA C 280 -0.68 -23.66 -8.37
N MET C 281 -0.44 -24.79 -8.99
CA MET C 281 -0.16 -24.88 -10.42
C MET C 281 -0.97 -26.05 -10.96
N MET C 282 -1.66 -25.88 -12.08
CA MET C 282 -2.44 -27.00 -12.61
C MET C 282 -1.76 -27.60 -13.82
N SER C 283 -1.52 -28.90 -13.78
CA SER C 283 -0.96 -29.61 -14.92
C SER C 283 -2.08 -30.28 -15.71
N VAL C 284 -2.07 -30.06 -17.02
CA VAL C 284 -3.02 -30.67 -17.94
C VAL C 284 -2.24 -31.61 -18.86
N ASP C 285 -2.50 -32.92 -18.80
CA ASP C 285 -1.77 -33.83 -19.68
C ASP C 285 -2.52 -33.98 -21.02
N GLU C 286 -1.99 -34.82 -21.91
CA GLU C 286 -2.50 -34.94 -23.28
C GLU C 286 -3.93 -35.44 -23.34
N THR C 287 -4.39 -36.10 -22.29
CA THR C 287 -5.76 -36.61 -22.20
C THR C 287 -6.72 -35.65 -21.48
N LEU C 288 -6.23 -34.43 -21.25
CA LEU C 288 -6.96 -33.38 -20.53
C LEU C 288 -7.29 -33.80 -19.10
N MET C 289 -6.44 -34.64 -18.52
CA MET C 289 -6.49 -34.93 -17.10
C MET C 289 -5.74 -33.83 -16.35
N CYS C 290 -6.42 -33.20 -15.38
CA CYS C 290 -5.87 -32.06 -14.66
C CYS C 290 -5.46 -32.39 -13.23
N SER C 291 -4.25 -32.01 -12.87
CA SER C 291 -3.76 -32.28 -11.51
C SER C 291 -3.12 -31.06 -10.91
N PHE C 292 -3.12 -31.02 -9.59
CA PHE C 292 -2.65 -29.85 -8.89
C PHE C 292 -1.40 -30.12 -8.07
N GLN C 293 -0.42 -29.23 -8.25
CA GLN C 293 0.71 -29.12 -7.36
C GLN C 293 0.48 -27.88 -6.49
N ILE C 294 0.56 -28.08 -5.17
CA ILE C 294 0.32 -26.99 -4.22
C ILE C 294 1.64 -26.54 -3.60
N LEU C 295 1.92 -25.23 -3.66
CA LEU C 295 3.13 -24.67 -3.04
C LEU C 295 2.79 -24.03 -1.69
N LYS C 296 3.19 -24.68 -0.60
CA LYS C 296 3.04 -24.09 0.72
C LYS C 296 3.98 -22.90 0.89
N PRO C 297 3.58 -21.90 1.68
CA PRO C 297 4.49 -20.77 1.93
C PRO C 297 5.72 -21.21 2.73
N ALA C 298 6.88 -20.62 2.44
CA ALA C 298 8.17 -20.98 3.05
C ALA C 298 8.17 -21.07 4.58
N ARG D 6 -12.09 -36.35 -26.12
CA ARG D 6 -11.39 -36.08 -24.88
C ARG D 6 -12.21 -35.18 -23.96
N LYS D 7 -12.24 -35.52 -22.66
CA LYS D 7 -12.98 -34.72 -21.69
C LYS D 7 -12.08 -34.33 -20.53
N VAL D 8 -12.28 -33.13 -20.01
CA VAL D 8 -11.48 -32.65 -18.89
C VAL D 8 -11.82 -33.45 -17.65
N ARG D 9 -10.80 -34.03 -17.03
CA ARG D 9 -11.00 -34.76 -15.79
C ARG D 9 -10.01 -34.26 -14.75
N PHE D 10 -10.37 -34.44 -13.49
CA PHE D 10 -9.54 -33.97 -12.40
C PHE D 10 -8.98 -35.11 -11.57
N SER D 11 -7.66 -35.11 -11.41
CA SER D 11 -6.97 -36.09 -10.60
C SER D 11 -7.27 -35.83 -9.13
N GLU D 12 -7.41 -36.89 -8.34
CA GLU D 12 -7.61 -36.72 -6.91
C GLU D 12 -6.28 -36.77 -6.15
N LYS D 13 -5.20 -37.00 -6.89
CA LYS D 13 -3.85 -37.02 -6.32
C LYS D 13 -3.25 -35.63 -6.35
N VAL D 14 -3.28 -34.94 -5.22
CA VAL D 14 -2.70 -33.61 -5.14
C VAL D 14 -1.32 -33.70 -4.47
N THR D 15 -0.37 -32.99 -5.06
CA THR D 15 1.00 -32.95 -4.57
C THR D 15 1.23 -31.63 -3.84
N VAL D 16 1.76 -31.69 -2.63
CA VAL D 16 2.03 -30.50 -1.83
C VAL D 16 3.53 -30.37 -1.63
N HIS D 17 4.06 -29.17 -1.81
CA HIS D 17 5.50 -28.94 -1.65
C HIS D 17 5.78 -28.03 -0.46
N PHE D 18 6.51 -28.57 0.51
CA PHE D 18 6.87 -27.87 1.76
C PHE D 18 8.35 -27.53 1.79
N LEU D 19 8.74 -26.70 2.75
CA LEU D 19 10.14 -26.50 3.14
C LEU D 19 10.36 -26.81 4.63
#